data_1PGL
#
_entry.id   1PGL
#
_cell.length_a   311.200
_cell.length_b   284.200
_cell.length_c   350.500
_cell.angle_alpha   90.00
_cell.angle_beta   90.00
_cell.angle_gamma   90.00
#
_symmetry.space_group_name_H-M   'P 2 21 21'
#
loop_
_entity.id
_entity.type
_entity.pdbx_description
1 polymer "5'-R(*AP*GP*UP*CP*UP*C)-3'"
2 polymer 'BEAN POD MOTTLE VIRUS SMALL (S) SUBUNIT'
3 polymer 'BEAN POD MOTTLE VIRUS LARGE (L) SUBUNIT'
4 water water
#
loop_
_entity_poly.entity_id
_entity_poly.type
_entity_poly.pdbx_seq_one_letter_code
_entity_poly.pdbx_strand_id
1 'polyribonucleotide' AGUCUC 3
2 'polypeptide(L)'
;SISQQTVWNQMATVRTPLNFDSSKQSFCQFSVDLLGGGISVDKTGDWITLVQNSPISNLLRVAAWKKGCLMVKVVMSGNA
AVKRSDWASLVQVFLTNSNSTEHFDACRWTKSEPHSWELIFPIEVCGPNNGFEMWSSEWANQTSWHLSFLVDNPKQSTTF
DVLLGISQNFEIAGNTLMPAFSVPQ
;
1
3 'polypeptide(L)'
;METNLFKLSLDDVETPKGSMLDLKISQSKIALPKNTVGGTILRSDLLANFLTEGNFRASVDLQRTHRIKGMIKMVATVGI
PENTGIALACAMNSSIRGRASSDIYTICSQDCELWNPACTKAMTMSFNPNPCSDAWSLEFLKRTGFHCDIICVTGWTATP
MQDVQVTIDWFISSQECVPRTYCVLNPQNPFVLNRWMGKLTFPQGTSRSVKRMPLSIGGGAGAKSAILMNMPNAVLSMWR
YFVGDLVFEVSKMTSPYIKCTVSFFIAFGNLADDTINFEAFPHKLVQFGEIQEKVVLKFSQEEFLTAWSTQVRPATTLLA
DGCPYLYAMVHDSSVSTIPGDFVIGVKLTIIENMCAYGLNPGISGSRLLG
;
2
#
loop_
_chem_comp.id
_chem_comp.type
_chem_comp.name
_chem_comp.formula
A RNA linking ADENOSINE-5'-MONOPHOSPHATE 'C10 H14 N5 O7 P'
C RNA linking CYTIDINE-5'-MONOPHOSPHATE 'C9 H14 N3 O8 P'
G RNA linking GUANOSINE-5'-MONOPHOSPHATE 'C10 H14 N5 O8 P'
U RNA linking URIDINE-5'-MONOPHOSPHATE 'C9 H13 N2 O9 P'
#
# COMPACT_ATOMS: atom_id res chain seq x y z
N SER B 1 17.36 11.02 -10.25
CA SER B 1 16.66 11.95 -9.29
C SER B 1 15.51 12.63 -10.02
N ILE B 2 14.30 12.08 -9.89
CA ILE B 2 13.14 12.64 -10.58
C ILE B 2 12.81 14.02 -10.05
N SER B 3 12.54 14.93 -10.97
CA SER B 3 12.16 16.30 -10.59
C SER B 3 11.59 17.06 -11.78
N GLN B 4 10.73 18.04 -11.48
CA GLN B 4 10.11 18.87 -12.51
C GLN B 4 9.67 20.17 -11.85
N GLN B 5 9.88 21.28 -12.54
CA GLN B 5 9.53 22.57 -12.00
C GLN B 5 8.06 22.86 -11.94
N THR B 6 7.72 23.57 -10.88
CA THR B 6 6.36 24.02 -10.64
C THR B 6 5.29 22.94 -10.64
N VAL B 7 5.60 21.75 -10.14
CA VAL B 7 4.53 20.77 -10.05
C VAL B 7 4.31 20.30 -8.62
N TRP B 8 3.26 20.87 -8.03
CA TRP B 8 2.79 20.58 -6.69
C TRP B 8 1.65 19.59 -6.88
N ASN B 9 1.01 19.20 -5.80
CA ASN B 9 -0.12 18.30 -5.87
C ASN B 9 -1.20 18.88 -4.97
N GLN B 10 -2.46 18.80 -5.40
CA GLN B 10 -3.54 19.32 -4.59
C GLN B 10 -3.78 18.38 -3.43
N MET B 11 -4.02 18.93 -2.25
CA MET B 11 -4.27 18.07 -1.11
C MET B 11 -5.65 18.24 -0.54
N ALA B 12 -6.12 19.47 -0.44
CA ALA B 12 -7.45 19.70 0.11
C ALA B 12 -8.03 21.01 -0.32
N THR B 13 -9.34 21.13 -0.19
CA THR B 13 -10.07 22.35 -0.50
C THR B 13 -11.16 22.48 0.53
N VAL B 14 -11.07 23.52 1.35
CA VAL B 14 -12.06 23.75 2.38
C VAL B 14 -12.85 25.00 2.05
N ARG B 15 -14.15 24.84 1.95
CA ARG B 15 -15.03 25.95 1.66
C ARG B 15 -15.80 26.23 2.95
N THR B 16 -15.75 27.48 3.36
CA THR B 16 -16.41 28.00 4.54
C THR B 16 -17.93 27.76 4.48
N PRO B 17 -18.59 27.47 5.62
CA PRO B 17 -20.03 27.21 5.58
C PRO B 17 -20.87 28.37 5.07
N LEU B 18 -21.67 28.05 4.05
CA LEU B 18 -22.56 29.02 3.41
C LEU B 18 -23.63 29.57 4.33
N ASN B 19 -24.04 28.76 5.30
CA ASN B 19 -25.06 29.18 6.25
C ASN B 19 -24.46 29.65 7.56
N PHE B 20 -23.21 30.12 7.53
CA PHE B 20 -22.58 30.59 8.76
C PHE B 20 -23.46 31.75 9.24
N ASP B 21 -23.76 31.76 10.53
CA ASP B 21 -24.57 32.83 11.06
C ASP B 21 -23.74 33.77 11.94
N SER B 22 -23.44 34.91 11.33
CA SER B 22 -22.62 35.97 11.94
C SER B 22 -23.09 36.26 13.35
N SER B 23 -24.41 36.36 13.51
CA SER B 23 -25.00 36.66 14.81
C SER B 23 -24.56 35.71 15.95
N LYS B 24 -24.46 34.41 15.68
CA LYS B 24 -24.05 33.48 16.75
C LYS B 24 -22.60 33.81 17.20
N GLN B 25 -21.66 33.76 16.26
CA GLN B 25 -20.24 34.12 16.51
C GLN B 25 -19.66 34.63 15.20
N SER B 26 -18.57 35.40 15.31
CA SER B 26 -17.98 36.01 14.12
C SER B 26 -16.95 35.21 13.34
N PHE B 27 -16.37 34.19 13.96
CA PHE B 27 -15.37 33.40 13.29
C PHE B 27 -15.76 31.95 13.27
N CYS B 28 -14.98 31.15 12.57
CA CYS B 28 -15.22 29.73 12.51
C CYS B 28 -13.84 29.09 12.38
N GLN B 29 -13.73 27.80 12.65
CA GLN B 29 -12.44 27.13 12.61
C GLN B 29 -12.42 25.76 11.95
N PHE B 30 -11.32 25.46 11.27
CA PHE B 30 -11.15 24.16 10.66
C PHE B 30 -9.67 23.82 10.75
N SER B 31 -9.32 22.56 10.63
CA SER B 31 -7.92 22.14 10.74
C SER B 31 -7.61 21.03 9.75
N VAL B 32 -6.46 21.10 9.11
CA VAL B 32 -6.09 20.06 8.16
C VAL B 32 -4.96 19.23 8.74
N ASP B 33 -5.10 17.92 8.75
CA ASP B 33 -4.05 17.04 9.25
C ASP B 33 -3.19 16.71 8.05
N LEU B 34 -2.11 17.46 7.88
CA LEU B 34 -1.21 17.28 6.75
C LEU B 34 -0.66 15.88 6.48
N LEU B 35 -0.33 15.12 7.51
CA LEU B 35 0.24 13.78 7.31
C LEU B 35 -0.73 12.63 7.40
N GLY B 36 -1.85 12.84 8.08
CA GLY B 36 -2.85 11.79 8.22
C GLY B 36 -3.91 11.88 7.16
N GLY B 37 -4.03 13.06 6.54
CA GLY B 37 -4.97 13.28 5.48
C GLY B 37 -6.41 13.62 5.84
N GLY B 38 -6.66 14.08 7.06
CA GLY B 38 -8.03 14.39 7.42
C GLY B 38 -8.28 15.87 7.58
N ILE B 39 -9.56 16.28 7.52
CA ILE B 39 -9.93 17.67 7.71
C ILE B 39 -10.96 17.73 8.83
N SER B 40 -10.80 18.67 9.78
CA SER B 40 -11.74 18.80 10.89
C SER B 40 -12.45 20.12 10.80
N VAL B 41 -13.73 20.15 11.15
CA VAL B 41 -14.47 21.39 11.07
C VAL B 41 -15.36 21.69 12.28
N ASP B 42 -15.84 22.92 12.29
CA ASP B 42 -16.76 23.50 13.26
C ASP B 42 -18.11 22.87 13.19
N LYS B 43 -18.94 23.29 14.13
CA LYS B 43 -20.35 22.90 14.13
C LYS B 43 -21.05 24.24 13.84
N THR B 44 -20.29 25.17 13.26
CA THR B 44 -20.73 26.52 12.93
C THR B 44 -21.61 26.61 11.69
N GLY B 45 -21.72 25.51 10.97
CA GLY B 45 -22.52 25.49 9.75
C GLY B 45 -22.18 24.28 8.90
N ASP B 46 -22.65 24.27 7.66
CA ASP B 46 -22.36 23.14 6.79
C ASP B 46 -21.15 23.43 5.93
N TRP B 47 -20.02 22.86 6.34
CA TRP B 47 -18.76 23.02 5.64
C TRP B 47 -18.73 22.20 4.38
N ILE B 48 -17.99 22.65 3.38
CA ILE B 48 -17.83 21.91 2.14
C ILE B 48 -16.34 21.63 2.02
N THR B 49 -15.91 20.49 2.55
CA THR B 49 -14.50 20.11 2.52
C THR B 49 -14.21 18.99 1.53
N LEU B 50 -12.97 18.88 1.09
CA LEU B 50 -12.60 17.85 0.13
C LEU B 50 -11.10 17.54 0.11
N VAL B 51 -10.74 16.26 0.20
CA VAL B 51 -9.34 15.87 0.12
C VAL B 51 -9.14 15.21 -1.25
N GLN B 52 -8.37 15.85 -2.12
CA GLN B 52 -8.14 15.29 -3.45
C GLN B 52 -7.28 14.05 -3.42
N ASN B 53 -7.61 13.09 -4.27
CA ASN B 53 -6.85 11.86 -4.37
C ASN B 53 -5.68 12.02 -5.33
N SER B 54 -4.89 13.08 -5.12
CA SER B 54 -3.72 13.35 -5.94
C SER B 54 -2.61 12.40 -5.53
N PRO B 55 -1.53 12.31 -6.32
CA PRO B 55 -0.45 11.40 -5.95
C PRO B 55 0.13 11.57 -4.55
N ILE B 56 0.42 12.81 -4.12
CA ILE B 56 1.02 13.05 -2.80
C ILE B 56 0.01 12.76 -1.69
N SER B 57 -1.24 13.06 -1.95
CA SER B 57 -2.30 12.85 -0.98
C SER B 57 -2.49 11.36 -0.73
N ASN B 58 -2.37 10.54 -1.77
CA ASN B 58 -2.51 9.10 -1.65
C ASN B 58 -1.27 8.50 -0.99
N LEU B 59 -0.09 9.04 -1.32
CA LEU B 59 1.16 8.55 -0.75
C LEU B 59 1.22 8.73 0.76
N LEU B 60 0.95 9.94 1.24
CA LEU B 60 1.01 10.23 2.66
C LEU B 60 0.05 9.38 3.50
N ARG B 61 -1.15 9.15 2.98
CA ARG B 61 -2.13 8.39 3.73
C ARG B 61 -1.77 6.93 3.88
N VAL B 62 -0.95 6.46 2.96
CA VAL B 62 -0.59 5.06 2.93
C VAL B 62 0.86 4.72 3.34
N ALA B 63 1.72 5.73 3.51
CA ALA B 63 3.11 5.52 3.92
C ALA B 63 3.19 5.43 5.43
N ALA B 64 3.49 4.24 5.94
CA ALA B 64 3.57 4.02 7.38
C ALA B 64 4.59 4.86 8.13
N TRP B 65 5.84 4.87 7.68
CA TRP B 65 6.92 5.63 8.30
C TRP B 65 7.38 6.71 7.32
N LYS B 66 7.42 7.95 7.77
CA LYS B 66 7.82 9.08 6.92
C LYS B 66 9.02 9.82 7.48
N LYS B 67 9.74 10.52 6.62
CA LYS B 67 10.91 11.28 7.03
C LYS B 67 11.37 12.24 5.95
N GLY B 68 11.69 13.47 6.31
CA GLY B 68 12.13 14.42 5.30
C GLY B 68 11.25 15.64 5.14
N CYS B 69 11.55 16.50 4.16
CA CYS B 69 10.76 17.70 3.96
C CYS B 69 9.66 17.64 2.95
N LEU B 70 8.67 18.48 3.18
CA LEU B 70 7.51 18.64 2.31
C LEU B 70 7.34 20.15 2.26
N MET B 71 6.77 20.63 1.18
CA MET B 71 6.56 22.05 0.99
C MET B 71 5.06 22.28 1.06
N VAL B 72 4.62 23.32 1.75
CA VAL B 72 3.20 23.59 1.87
C VAL B 72 2.82 24.93 1.30
N LYS B 73 1.73 24.98 0.53
CA LYS B 73 1.25 26.22 -0.03
C LYS B 73 -0.24 26.32 0.23
N VAL B 74 -0.67 27.42 0.84
CA VAL B 74 -2.08 27.64 1.14
C VAL B 74 -2.52 28.84 0.31
N VAL B 75 -3.63 28.72 -0.40
CA VAL B 75 -4.15 29.81 -1.22
C VAL B 75 -5.58 30.14 -0.78
N MET B 76 -5.79 31.35 -0.32
CA MET B 76 -7.12 31.77 0.09
C MET B 76 -7.75 32.56 -1.04
N SER B 77 -8.88 32.09 -1.55
CA SER B 77 -9.59 32.79 -2.62
C SER B 77 -10.86 33.25 -1.94
N GLY B 78 -11.04 34.57 -1.83
CA GLY B 78 -12.19 35.11 -1.14
C GLY B 78 -13.37 35.55 -1.97
N ASN B 79 -14.22 36.35 -1.32
CA ASN B 79 -15.43 36.89 -1.89
C ASN B 79 -15.15 38.13 -2.74
N ALA B 80 -15.14 37.94 -4.05
CA ALA B 80 -14.85 39.04 -4.96
C ALA B 80 -15.89 40.15 -4.98
N ALA B 81 -17.08 39.87 -4.45
CA ALA B 81 -18.15 40.86 -4.43
C ALA B 81 -17.99 41.97 -3.42
N VAL B 82 -17.18 41.74 -2.39
CA VAL B 82 -16.94 42.74 -1.37
C VAL B 82 -16.02 43.79 -1.97
N LYS B 83 -16.35 45.06 -1.81
CA LYS B 83 -15.47 46.08 -2.34
C LYS B 83 -14.23 46.06 -1.48
N ARG B 84 -13.09 46.33 -2.09
CA ARG B 84 -11.85 46.32 -1.34
C ARG B 84 -11.94 47.20 -0.11
N SER B 85 -12.62 48.33 -0.21
CA SER B 85 -12.72 49.22 0.95
C SER B 85 -13.53 48.70 2.12
N ASP B 86 -14.35 47.67 1.88
CA ASP B 86 -15.17 47.09 2.94
C ASP B 86 -14.57 45.81 3.50
N TRP B 87 -13.36 45.47 3.07
CA TRP B 87 -12.74 44.26 3.56
C TRP B 87 -12.54 44.35 5.07
N ALA B 88 -13.10 43.39 5.78
CA ALA B 88 -12.98 43.36 7.23
C ALA B 88 -12.93 41.91 7.65
N SER B 89 -11.84 41.25 7.28
CA SER B 89 -11.64 39.85 7.56
C SER B 89 -10.16 39.53 7.65
N LEU B 90 -9.84 38.52 8.45
CA LEU B 90 -8.45 38.08 8.61
C LEU B 90 -8.49 36.60 9.04
N VAL B 91 -7.43 35.86 8.76
CA VAL B 91 -7.39 34.46 9.17
C VAL B 91 -6.07 34.16 9.86
N GLN B 92 -6.16 33.49 11.00
CA GLN B 92 -4.98 33.11 11.77
C GLN B 92 -4.64 31.67 11.44
N VAL B 93 -3.39 31.43 11.06
CA VAL B 93 -2.94 30.10 10.72
C VAL B 93 -2.00 29.59 11.81
N PHE B 94 -2.10 28.32 12.17
CA PHE B 94 -1.24 27.75 13.20
C PHE B 94 -0.68 26.39 12.77
N LEU B 95 0.58 26.13 13.09
CA LEU B 95 1.19 24.84 12.79
C LEU B 95 1.43 24.20 14.17
N THR B 96 0.83 23.04 14.41
CA THR B 96 0.98 22.33 15.69
C THR B 96 1.17 20.89 15.34
N ASN B 97 1.82 20.12 16.20
CA ASN B 97 2.01 18.73 15.89
C ASN B 97 0.87 17.88 16.43
N SER B 98 -0.11 18.54 17.01
CA SER B 98 -1.22 17.83 17.56
C SER B 98 -2.39 18.75 17.71
N ASN B 99 -3.57 18.16 17.73
CA ASN B 99 -4.76 18.96 17.89
C ASN B 99 -5.04 19.26 19.33
N SER B 100 -4.35 18.57 20.24
CA SER B 100 -4.54 18.82 21.65
C SER B 100 -4.21 20.26 21.93
N THR B 101 -5.01 20.81 22.82
CA THR B 101 -4.90 22.19 23.25
C THR B 101 -3.68 22.39 24.17
N GLU B 102 -3.02 21.31 24.55
CA GLU B 102 -1.88 21.40 25.44
C GLU B 102 -0.55 21.49 24.75
N HIS B 103 -0.58 21.40 23.43
CA HIS B 103 0.63 21.50 22.66
C HIS B 103 0.74 22.91 22.20
N PHE B 104 1.92 23.50 22.37
CA PHE B 104 2.16 24.86 21.93
C PHE B 104 2.33 24.82 20.40
N ASP B 105 2.38 25.99 19.79
CA ASP B 105 2.49 26.09 18.34
C ASP B 105 3.91 26.11 17.83
N ALA B 106 4.14 25.41 16.72
CA ALA B 106 5.44 25.37 16.11
C ALA B 106 5.61 26.66 15.34
N CYS B 107 4.53 27.18 14.79
CA CYS B 107 4.61 28.44 14.08
C CYS B 107 3.25 29.08 14.03
N ARG B 108 3.22 30.36 13.69
CA ARG B 108 1.97 31.08 13.69
C ARG B 108 2.00 32.20 12.65
N TRP B 109 0.89 32.40 11.95
CA TRP B 109 0.79 33.47 10.96
C TRP B 109 -0.60 34.09 11.03
N THR B 110 -0.74 35.30 10.48
CA THR B 110 -2.04 35.97 10.41
C THR B 110 -2.06 36.72 9.10
N LYS B 111 -2.97 36.32 8.22
CA LYS B 111 -3.08 36.93 6.90
C LYS B 111 -4.37 37.69 6.76
N SER B 112 -4.31 38.89 6.19
CA SER B 112 -5.51 39.69 6.05
C SER B 112 -5.63 40.42 4.72
N GLU B 113 -4.82 40.07 3.74
CA GLU B 113 -4.89 40.74 2.44
C GLU B 113 -6.29 40.59 1.87
N PRO B 114 -6.81 41.64 1.23
CA PRO B 114 -8.14 41.61 0.64
C PRO B 114 -8.28 40.66 -0.53
N HIS B 115 -9.42 39.98 -0.58
CA HIS B 115 -9.78 39.06 -1.64
C HIS B 115 -8.99 37.78 -1.78
N SER B 116 -7.67 37.84 -1.64
CA SER B 116 -6.84 36.65 -1.77
C SER B 116 -5.42 36.83 -1.28
N TRP B 117 -4.81 35.72 -0.93
CA TRP B 117 -3.44 35.69 -0.47
C TRP B 117 -2.94 34.27 -0.53
N GLU B 118 -1.63 34.09 -0.45
CA GLU B 118 -1.06 32.76 -0.43
C GLU B 118 0.01 32.70 0.62
N LEU B 119 0.29 31.50 1.09
CA LEU B 119 1.26 31.29 2.14
C LEU B 119 2.05 30.03 1.83
N ILE B 120 3.37 30.14 1.73
CA ILE B 120 4.20 28.98 1.43
C ILE B 120 5.25 28.77 2.51
N PHE B 121 5.39 27.55 2.99
CA PHE B 121 6.39 27.27 4.01
C PHE B 121 6.68 25.78 4.00
N PRO B 122 7.87 25.38 4.48
CA PRO B 122 8.21 23.97 4.49
C PRO B 122 7.93 23.35 5.86
N ILE B 123 7.74 22.05 5.89
CA ILE B 123 7.55 21.36 7.14
C ILE B 123 8.49 20.19 7.01
N GLU B 124 8.93 19.64 8.13
CA GLU B 124 9.84 18.53 8.06
C GLU B 124 9.41 17.45 9.02
N VAL B 125 9.45 16.19 8.58
CA VAL B 125 9.08 15.07 9.42
C VAL B 125 10.31 14.43 10.07
N CYS B 126 10.35 14.41 11.40
CA CYS B 126 11.46 13.81 12.16
C CYS B 126 10.86 12.85 13.15
N GLY B 127 11.31 11.62 13.13
CA GLY B 127 10.74 10.64 14.03
C GLY B 127 11.74 9.91 14.87
N PRO B 128 11.26 9.11 15.81
CA PRO B 128 12.13 8.36 16.69
C PRO B 128 12.66 7.06 16.12
N ASN B 129 11.98 6.48 15.12
CA ASN B 129 12.43 5.19 14.60
C ASN B 129 13.82 5.29 14.06
N ASN B 130 14.01 5.95 12.95
CA ASN B 130 15.39 6.06 12.56
C ASN B 130 15.39 7.37 11.88
N GLY B 131 14.73 8.31 12.57
CA GLY B 131 14.51 9.63 12.04
C GLY B 131 13.14 9.57 11.38
N PHE B 132 12.52 8.37 11.34
CA PHE B 132 11.21 8.16 10.73
C PHE B 132 10.11 8.32 11.77
N GLU B 133 8.96 8.83 11.35
CA GLU B 133 7.84 9.02 12.27
C GLU B 133 6.56 8.40 11.73
N MET B 134 5.79 7.75 12.58
CA MET B 134 4.53 7.14 12.18
C MET B 134 3.40 8.03 12.66
N TRP B 135 2.49 8.35 11.77
CA TRP B 135 1.37 9.22 12.08
C TRP B 135 0.66 8.89 13.37
N SER B 136 0.71 9.84 14.29
CA SER B 136 0.06 9.74 15.60
C SER B 136 0.16 8.41 16.32
N SER B 137 1.24 7.68 16.11
CA SER B 137 1.39 6.38 16.76
C SER B 137 1.57 6.51 18.23
N GLU B 138 1.03 5.55 18.95
CA GLU B 138 1.16 5.54 20.38
C GLU B 138 2.56 5.11 20.76
N TRP B 139 3.28 4.47 19.83
CA TRP B 139 4.61 3.97 20.07
C TRP B 139 5.47 4.95 20.84
N ALA B 140 6.24 5.84 20.24
CA ALA B 140 7.00 6.65 21.19
C ALA B 140 6.22 7.92 21.46
N ASN B 141 4.89 7.77 21.47
CA ASN B 141 3.99 8.89 21.63
C ASN B 141 4.27 9.86 20.50
N GLN B 142 4.25 9.31 19.30
CA GLN B 142 4.51 10.05 18.09
C GLN B 142 3.39 10.98 17.78
N THR B 143 3.59 11.78 16.75
CA THR B 143 2.67 12.85 16.47
C THR B 143 2.41 13.08 14.96
N SER B 144 1.98 14.27 14.56
CA SER B 144 1.74 14.57 13.15
C SER B 144 2.02 16.04 12.92
N TRP B 145 1.46 16.63 11.87
CA TRP B 145 1.59 18.06 11.63
C TRP B 145 0.23 18.56 11.18
N HIS B 146 -0.39 19.40 12.01
CA HIS B 146 -1.71 19.95 11.74
C HIS B 146 -1.64 21.42 11.42
N LEU B 147 -2.38 21.84 10.39
CA LEU B 147 -2.44 23.23 10.01
C LEU B 147 -3.86 23.69 10.37
N SER B 148 -3.99 24.52 11.42
CA SER B 148 -5.29 25.00 11.89
C SER B 148 -5.55 26.43 11.48
N PHE B 149 -6.80 26.73 11.16
CA PHE B 149 -7.20 28.07 10.73
C PHE B 149 -8.33 28.62 11.60
N LEU B 150 -8.28 29.91 11.89
CA LEU B 150 -9.35 30.56 12.62
C LEU B 150 -9.76 31.67 11.67
N VAL B 151 -10.85 31.45 10.94
CA VAL B 151 -11.32 32.43 9.97
C VAL B 151 -12.26 33.43 10.58
N ASP B 152 -11.86 34.69 10.59
CA ASP B 152 -12.66 35.76 11.14
C ASP B 152 -13.43 36.41 9.99
N ASN B 153 -14.75 36.21 9.98
CA ASN B 153 -15.65 36.71 8.95
C ASN B 153 -15.52 35.80 7.74
N PRO B 154 -16.02 34.56 7.86
CA PRO B 154 -16.04 33.47 6.88
C PRO B 154 -16.74 33.82 5.60
N LYS B 155 -17.45 34.95 5.58
CA LYS B 155 -18.15 35.34 4.38
C LYS B 155 -17.32 36.12 3.40
N GLN B 156 -16.15 36.54 3.84
CA GLN B 156 -15.23 37.27 2.98
C GLN B 156 -14.08 36.34 2.63
N SER B 157 -13.45 35.74 3.65
CA SER B 157 -12.37 34.79 3.44
C SER B 157 -13.06 33.45 3.35
N THR B 158 -13.57 33.15 2.18
CA THR B 158 -14.35 31.94 1.99
C THR B 158 -13.72 30.63 1.59
N THR B 159 -12.71 30.66 0.75
CA THR B 159 -12.12 29.41 0.28
C THR B 159 -10.65 29.20 0.55
N PHE B 160 -10.27 27.96 0.80
CA PHE B 160 -8.88 27.61 1.06
C PHE B 160 -8.45 26.37 0.32
N ASP B 161 -7.34 26.47 -0.41
CA ASP B 161 -6.77 25.33 -1.12
C ASP B 161 -5.40 25.05 -0.52
N VAL B 162 -5.10 23.78 -0.23
CA VAL B 162 -3.82 23.41 0.32
C VAL B 162 -3.12 22.51 -0.68
N LEU B 163 -1.94 22.92 -1.14
CA LEU B 163 -1.13 22.12 -2.08
C LEU B 163 0.14 21.69 -1.36
N LEU B 164 0.69 20.55 -1.76
CA LEU B 164 1.92 20.04 -1.15
C LEU B 164 2.93 19.71 -2.21
N GLY B 165 4.19 19.93 -1.90
CA GLY B 165 5.26 19.61 -2.83
C GLY B 165 6.20 18.69 -2.11
N ILE B 166 6.63 17.63 -2.77
CA ILE B 166 7.54 16.68 -2.13
C ILE B 166 8.98 17.08 -2.43
N SER B 167 9.88 16.85 -1.49
CA SER B 167 11.27 17.21 -1.72
C SER B 167 12.15 16.02 -2.06
N GLN B 168 13.35 16.32 -2.55
CA GLN B 168 14.32 15.32 -2.96
C GLN B 168 14.71 14.35 -1.86
N ASN B 169 14.59 14.78 -0.61
CA ASN B 169 14.96 13.92 0.52
C ASN B 169 13.81 13.21 1.23
N PHE B 170 12.57 13.41 0.77
CA PHE B 170 11.46 12.75 1.42
C PHE B 170 11.66 11.26 1.26
N GLU B 171 11.51 10.53 2.35
CA GLU B 171 11.73 9.10 2.34
C GLU B 171 10.73 8.39 3.24
N ILE B 172 10.17 7.30 2.75
CA ILE B 172 9.17 6.54 3.50
C ILE B 172 9.52 5.06 3.60
N ALA B 173 8.77 4.31 4.40
CA ALA B 173 9.01 2.90 4.56
C ALA B 173 7.77 2.26 5.13
N GLY B 174 7.43 1.06 4.67
CA GLY B 174 6.27 0.38 5.19
C GLY B 174 4.94 0.84 4.61
N ASN B 175 3.91 0.01 4.72
CA ASN B 175 2.60 0.34 4.18
C ASN B 175 1.49 0.29 5.23
N THR B 176 0.62 1.30 5.23
CA THR B 176 -0.52 1.37 6.16
C THR B 176 -1.77 0.94 5.39
N LEU B 177 -2.43 -0.10 5.87
CA LEU B 177 -3.66 -0.58 5.22
C LEU B 177 -4.76 0.44 5.42
N MET B 178 -5.30 0.93 4.32
CA MET B 178 -6.35 1.92 4.38
C MET B 178 -7.54 1.44 3.62
N PRO B 179 -8.72 1.95 3.96
CA PRO B 179 -9.94 1.56 3.26
C PRO B 179 -9.90 2.30 1.89
N ALA B 180 -10.73 1.91 0.93
CA ALA B 180 -10.70 2.55 -0.39
C ALA B 180 -10.92 4.04 -0.33
N PHE B 181 -10.18 4.79 -1.15
CA PHE B 181 -10.36 6.24 -1.21
C PHE B 181 -11.49 6.50 -2.17
N SER B 182 -12.44 7.28 -1.72
CA SER B 182 -13.60 7.57 -2.52
C SER B 182 -13.39 8.58 -3.63
N VAL B 183 -13.70 8.15 -4.85
CA VAL B 183 -13.57 9.03 -6.01
C VAL B 183 -14.88 9.78 -6.23
N PRO B 184 -14.81 11.12 -6.25
CA PRO B 184 -15.95 12.03 -6.42
C PRO B 184 -16.59 11.97 -7.81
N GLN B 185 -17.69 12.74 -7.93
CA GLN B 185 -18.51 12.88 -9.18
C GLN B 185 -19.05 11.50 -9.68
N MET C 1 31.75 -16.00 51.91
CA MET C 1 30.38 -16.67 51.85
C MET C 1 29.22 -15.85 51.18
N GLU C 2 29.29 -14.53 51.26
CA GLU C 2 28.22 -13.72 50.69
C GLU C 2 28.35 -13.55 49.17
N THR C 3 27.25 -13.80 48.45
CA THR C 3 27.23 -13.63 47.01
C THR C 3 27.09 -12.16 46.69
N ASN C 4 27.79 -11.72 45.66
CA ASN C 4 27.73 -10.33 45.25
C ASN C 4 26.71 -10.22 44.12
N LEU C 5 25.50 -9.77 44.46
CA LEU C 5 24.40 -9.65 43.50
C LEU C 5 24.74 -8.87 42.24
N PHE C 6 25.59 -7.88 42.39
CA PHE C 6 25.99 -7.05 41.27
C PHE C 6 26.72 -7.77 40.17
N LYS C 7 27.59 -8.71 40.55
CA LYS C 7 28.34 -9.48 39.59
C LYS C 7 27.49 -10.46 38.79
N LEU C 8 26.28 -10.78 39.28
CA LEU C 8 25.40 -11.71 38.55
C LEU C 8 25.02 -11.13 37.19
N SER C 9 24.93 -12.00 36.18
CA SER C 9 24.58 -11.58 34.81
C SER C 9 23.08 -11.54 34.59
N LEU C 10 22.40 -10.70 35.36
CA LEU C 10 20.96 -10.61 35.26
C LEU C 10 20.50 -9.55 34.29
N ASP C 11 21.40 -8.73 33.80
CA ASP C 11 21.01 -7.68 32.85
C ASP C 11 21.59 -7.88 31.47
N ASP C 12 21.39 -9.07 30.93
CA ASP C 12 21.85 -9.44 29.61
C ASP C 12 20.91 -8.87 28.55
N VAL C 13 21.37 -7.87 27.79
CA VAL C 13 20.54 -7.22 26.75
C VAL C 13 20.62 -7.84 25.36
N GLU C 14 21.28 -8.98 25.24
CA GLU C 14 21.44 -9.66 23.98
C GLU C 14 20.15 -10.18 23.34
N THR C 15 20.14 -10.26 22.01
CA THR C 15 19.00 -10.77 21.24
C THR C 15 18.89 -12.29 21.38
N PRO C 16 17.68 -12.88 21.22
CA PRO C 16 17.49 -14.34 21.33
C PRO C 16 18.38 -15.08 20.35
N LYS C 17 18.86 -16.26 20.77
CA LYS C 17 19.78 -17.04 19.95
C LYS C 17 19.64 -18.56 20.19
N GLY C 18 19.75 -19.39 19.15
CA GLY C 18 19.64 -20.83 19.35
C GLY C 18 19.09 -21.61 18.17
N SER C 19 18.69 -22.86 18.40
CA SER C 19 18.13 -23.68 17.32
C SER C 19 16.70 -23.26 17.01
N MET C 20 16.10 -23.84 15.98
CA MET C 20 14.74 -23.47 15.68
C MET C 20 13.81 -23.86 16.80
N LEU C 21 14.06 -25.02 17.41
CA LEU C 21 13.24 -25.45 18.52
C LEU C 21 13.35 -24.42 19.63
N ASP C 22 14.56 -23.93 19.87
CA ASP C 22 14.80 -22.96 20.92
C ASP C 22 14.26 -21.58 20.59
N LEU C 23 14.12 -21.26 19.32
CA LEU C 23 13.65 -19.94 18.94
C LEU C 23 12.19 -19.92 18.52
N LYS C 24 11.44 -20.97 18.82
CA LYS C 24 10.03 -21.02 18.46
C LYS C 24 9.28 -20.12 19.45
N ILE C 25 8.47 -19.19 18.96
CA ILE C 25 7.74 -18.28 19.84
C ILE C 25 6.23 -18.44 19.92
N SER C 26 5.64 -19.08 18.92
CA SER C 26 4.19 -19.21 18.91
C SER C 26 3.70 -20.15 17.83
N GLN C 27 2.42 -20.48 17.85
CA GLN C 27 1.82 -21.35 16.86
C GLN C 27 0.38 -20.98 16.66
N SER C 28 -0.02 -20.72 15.43
CA SER C 28 -1.40 -20.36 15.12
C SER C 28 -2.05 -21.44 14.27
N LYS C 29 -3.30 -21.77 14.53
CA LYS C 29 -4.00 -22.75 13.71
C LYS C 29 -5.13 -22.00 13.03
N ILE C 30 -5.00 -21.79 11.72
CA ILE C 30 -6.00 -21.07 10.94
C ILE C 30 -7.00 -22.07 10.36
N ALA C 31 -8.29 -21.79 10.53
CA ALA C 31 -9.32 -22.67 10.02
C ALA C 31 -9.59 -22.43 8.55
N LEU C 32 -9.76 -23.51 7.78
CA LEU C 32 -10.02 -23.39 6.35
C LEU C 32 -11.20 -24.29 6.04
N PRO C 33 -12.42 -23.75 6.10
CA PRO C 33 -13.64 -24.51 5.83
C PRO C 33 -13.64 -25.07 4.42
N LYS C 34 -14.28 -26.22 4.25
CA LYS C 34 -14.31 -26.89 2.97
C LYS C 34 -15.10 -26.13 1.93
N ASN C 35 -15.88 -25.15 2.38
CA ASN C 35 -16.69 -24.38 1.44
C ASN C 35 -16.15 -22.98 1.21
N THR C 36 -14.91 -22.72 1.62
CA THR C 36 -14.30 -21.40 1.45
C THR C 36 -14.33 -20.96 -0.01
N VAL C 37 -14.53 -19.67 -0.23
CA VAL C 37 -14.63 -19.19 -1.60
C VAL C 37 -13.66 -18.24 -2.24
N GLY C 38 -12.78 -17.60 -1.52
CA GLY C 38 -11.90 -16.74 -2.31
C GLY C 38 -12.43 -15.35 -2.17
N GLY C 39 -11.55 -14.51 -1.64
CA GLY C 39 -11.89 -13.16 -1.30
C GLY C 39 -12.14 -13.31 0.19
N THR C 40 -12.37 -14.54 0.65
CA THR C 40 -12.64 -14.85 2.05
C THR C 40 -11.44 -14.55 2.94
N ILE C 41 -11.67 -13.89 4.06
CA ILE C 41 -10.59 -13.59 4.98
C ILE C 41 -10.56 -14.69 6.01
N LEU C 42 -9.48 -15.47 6.04
CA LEU C 42 -9.36 -16.56 7.00
C LEU C 42 -9.09 -16.02 8.39
N ARG C 43 -8.24 -15.00 8.48
CA ARG C 43 -7.92 -14.35 9.76
C ARG C 43 -7.16 -13.08 9.51
N SER C 44 -7.63 -12.00 10.11
CA SER C 44 -7.02 -10.70 9.96
C SER C 44 -6.88 -10.18 11.38
N ASP C 45 -5.65 -9.98 11.85
CA ASP C 45 -5.44 -9.56 13.23
C ASP C 45 -4.11 -8.85 13.33
N LEU C 46 -3.81 -8.39 14.54
CA LEU C 46 -2.57 -7.73 14.88
C LEU C 46 -1.52 -8.83 14.85
N LEU C 47 -0.35 -8.55 14.32
CA LEU C 47 0.66 -9.59 14.29
C LEU C 47 1.01 -10.02 15.71
N ALA C 48 1.04 -9.06 16.63
CA ALA C 48 1.36 -9.36 18.02
C ALA C 48 0.47 -10.44 18.58
N ASN C 49 -0.74 -10.56 18.06
CA ASN C 49 -1.65 -11.58 18.55
C ASN C 49 -1.39 -12.94 17.98
N PHE C 50 -0.75 -13.02 16.83
CA PHE C 50 -0.44 -14.30 16.25
C PHE C 50 0.81 -14.82 16.96
N LEU C 51 1.74 -13.92 17.26
CA LEU C 51 3.02 -14.26 17.89
C LEU C 51 2.90 -14.54 19.36
N THR C 52 1.67 -14.57 19.84
CA THR C 52 1.47 -14.70 21.24
C THR C 52 0.58 -15.87 21.67
N GLU C 53 0.42 -16.83 20.76
CA GLU C 53 -0.41 -17.99 21.00
C GLU C 53 0.43 -19.19 21.37
N GLY C 54 0.38 -19.60 22.63
CA GLY C 54 1.17 -20.76 23.00
C GLY C 54 2.45 -20.36 23.70
N ASN C 55 2.85 -21.19 24.66
CA ASN C 55 4.04 -20.93 25.42
C ASN C 55 5.16 -21.88 24.99
N PHE C 56 5.87 -21.49 23.94
CA PHE C 56 6.97 -22.29 23.45
C PHE C 56 8.29 -21.82 24.04
N ARG C 57 9.38 -22.46 23.64
CA ARG C 57 10.68 -22.14 24.22
C ARG C 57 11.14 -20.68 24.28
N ALA C 58 10.91 -19.91 23.23
CA ALA C 58 11.32 -18.50 23.23
C ALA C 58 10.17 -17.52 23.44
N SER C 59 9.04 -18.02 23.92
CA SER C 59 7.88 -17.18 24.14
C SER C 59 8.09 -16.11 25.17
N VAL C 60 8.70 -16.44 26.31
CA VAL C 60 8.93 -15.40 27.30
C VAL C 60 10.11 -14.50 26.93
N ASP C 61 10.95 -14.94 26.00
CA ASP C 61 12.07 -14.09 25.56
C ASP C 61 11.45 -13.03 24.68
N LEU C 62 10.50 -13.44 23.84
CA LEU C 62 9.81 -12.54 22.94
C LEU C 62 9.18 -11.42 23.73
N GLN C 63 8.66 -11.76 24.90
CA GLN C 63 8.00 -10.79 25.74
C GLN C 63 8.85 -10.01 26.69
N ARG C 64 10.06 -10.50 26.95
CA ARG C 64 10.93 -9.85 27.90
C ARG C 64 12.26 -9.39 27.35
N THR C 65 12.36 -9.20 26.04
CA THR C 65 13.60 -8.71 25.43
C THR C 65 13.25 -7.42 24.72
N HIS C 66 13.95 -6.34 25.04
CA HIS C 66 13.65 -5.03 24.43
C HIS C 66 14.02 -4.83 22.97
N ARG C 67 15.01 -5.57 22.46
CA ARG C 67 15.40 -5.48 21.05
C ARG C 67 15.69 -6.83 20.48
N ILE C 68 15.00 -7.18 19.40
CA ILE C 68 15.23 -8.46 18.76
C ILE C 68 15.77 -8.13 17.39
N LYS C 69 16.88 -8.75 17.03
CA LYS C 69 17.51 -8.48 15.76
C LYS C 69 17.21 -9.48 14.68
N GLY C 70 16.78 -10.67 15.05
CA GLY C 70 16.45 -11.67 14.06
C GLY C 70 15.14 -11.36 13.36
N MET C 71 14.96 -11.82 12.14
CA MET C 71 13.71 -11.58 11.42
C MET C 71 12.67 -12.51 12.01
N ILE C 72 11.41 -12.33 11.66
CA ILE C 72 10.37 -13.22 12.12
C ILE C 72 10.25 -14.24 11.01
N LYS C 73 10.23 -15.50 11.36
CA LYS C 73 10.11 -16.53 10.35
C LYS C 73 8.90 -17.37 10.63
N MET C 74 8.11 -17.67 9.61
CA MET C 74 6.94 -18.48 9.80
C MET C 74 7.00 -19.68 8.88
N VAL C 75 6.49 -20.82 9.34
CA VAL C 75 6.46 -22.02 8.54
C VAL C 75 5.01 -22.47 8.51
N ALA C 76 4.33 -22.30 7.38
CA ALA C 76 2.94 -22.69 7.23
C ALA C 76 2.89 -24.10 6.71
N THR C 77 1.89 -24.84 7.14
CA THR C 77 1.81 -26.23 6.78
C THR C 77 0.40 -26.76 6.54
N VAL C 78 0.21 -27.42 5.41
CA VAL C 78 -1.06 -28.06 5.04
C VAL C 78 -0.97 -28.65 3.65
N GLY C 79 -1.36 -29.91 3.51
CA GLY C 79 -1.31 -30.55 2.21
C GLY C 79 -2.69 -31.02 1.76
N ILE C 80 -2.97 -30.91 0.47
CA ILE C 80 -4.24 -31.34 -0.11
C ILE C 80 -3.91 -32.15 -1.36
N PRO C 81 -4.78 -33.07 -1.80
CA PRO C 81 -4.49 -33.87 -2.99
C PRO C 81 -4.42 -33.08 -4.29
N GLU C 82 -3.81 -33.66 -5.31
CA GLU C 82 -3.63 -33.00 -6.59
C GLU C 82 -4.87 -32.74 -7.40
N ASN C 83 -5.96 -33.42 -7.07
CA ASN C 83 -7.19 -33.22 -7.81
C ASN C 83 -8.06 -32.11 -7.24
N THR C 84 -7.45 -31.24 -6.45
CA THR C 84 -8.12 -30.08 -5.91
C THR C 84 -7.06 -28.99 -5.83
N GLY C 85 -7.42 -27.82 -5.31
CA GLY C 85 -6.47 -26.75 -5.21
C GLY C 85 -7.12 -25.54 -4.62
N ILE C 86 -6.31 -24.65 -4.06
CA ILE C 86 -6.80 -23.43 -3.47
C ILE C 86 -5.59 -22.50 -3.36
N ALA C 87 -5.79 -21.20 -3.43
CA ALA C 87 -4.68 -20.29 -3.33
C ALA C 87 -4.84 -19.46 -2.08
N LEU C 88 -3.88 -19.56 -1.17
CA LEU C 88 -3.90 -18.82 0.10
C LEU C 88 -2.83 -17.74 0.04
N ALA C 89 -3.02 -16.68 0.80
CA ALA C 89 -2.05 -15.60 0.85
C ALA C 89 -1.88 -15.17 2.29
N CYS C 90 -0.65 -14.97 2.70
CA CYS C 90 -0.38 -14.55 4.05
C CYS C 90 0.37 -13.24 3.92
N ALA C 91 -0.26 -12.12 4.25
CA ALA C 91 0.34 -10.80 4.08
C ALA C 91 0.65 -9.99 5.33
N MET C 92 1.77 -9.30 5.29
CA MET C 92 2.24 -8.48 6.40
C MET C 92 2.32 -7.00 6.03
N ASN C 93 1.74 -6.12 6.85
CA ASN C 93 1.78 -4.67 6.60
C ASN C 93 2.09 -3.91 7.86
N SER C 94 2.85 -2.82 7.74
CA SER C 94 3.25 -2.02 8.89
C SER C 94 2.20 -1.48 9.81
N SER C 95 1.04 -1.11 9.26
CA SER C 95 0.00 -0.58 10.12
C SER C 95 -1.34 -0.66 9.41
N ILE C 96 -2.38 -0.23 10.09
CA ILE C 96 -3.72 -0.26 9.53
C ILE C 96 -4.56 0.84 10.16
N ARG C 97 -5.47 1.42 9.38
CA ARG C 97 -6.35 2.47 9.88
C ARG C 97 -7.79 2.22 9.47
N GLY C 98 -8.66 2.07 10.45
CA GLY C 98 -10.06 1.84 10.15
C GLY C 98 -10.38 0.49 9.56
N ARG C 99 -11.46 0.42 8.78
CA ARG C 99 -11.86 -0.83 8.15
C ARG C 99 -11.17 -0.91 6.81
N ALA C 100 -9.87 -1.18 6.87
CA ALA C 100 -9.05 -1.24 5.68
C ALA C 100 -9.42 -2.39 4.76
N SER C 101 -9.04 -2.23 3.51
CA SER C 101 -9.27 -3.22 2.47
C SER C 101 -8.46 -4.49 2.71
N SER C 102 -9.01 -5.62 2.32
CA SER C 102 -8.34 -6.91 2.47
C SER C 102 -8.13 -7.57 1.14
N ASP C 103 -8.35 -6.81 0.08
CA ASP C 103 -8.18 -7.28 -1.27
C ASP C 103 -6.73 -7.69 -1.48
N ILE C 104 -6.49 -8.75 -2.24
CA ILE C 104 -5.13 -9.21 -2.49
C ILE C 104 -4.25 -8.05 -2.99
N TYR C 105 -4.82 -7.13 -3.76
CA TYR C 105 -4.05 -6.01 -4.26
C TYR C 105 -3.53 -5.10 -3.15
N THR C 106 -4.42 -4.73 -2.23
CA THR C 106 -4.04 -3.83 -1.16
C THR C 106 -3.05 -4.39 -0.18
N ILE C 107 -3.19 -5.67 0.13
CA ILE C 107 -2.34 -6.30 1.14
C ILE C 107 -0.97 -6.89 0.77
N CYS C 108 -0.72 -7.16 -0.50
CA CYS C 108 0.53 -7.81 -0.90
C CYS C 108 1.78 -7.02 -1.26
N SER C 109 1.87 -5.75 -0.90
CA SER C 109 3.03 -4.94 -1.29
C SER C 109 4.25 -4.94 -0.39
N GLN C 110 4.05 -5.21 0.89
CA GLN C 110 5.16 -5.21 1.83
C GLN C 110 5.83 -6.57 1.86
N ASP C 111 5.32 -7.50 2.65
CA ASP C 111 5.88 -8.84 2.71
C ASP C 111 4.71 -9.76 2.66
N CYS C 112 4.53 -10.42 1.51
CA CYS C 112 3.39 -11.30 1.35
C CYS C 112 3.73 -12.50 0.51
N GLU C 113 3.17 -13.64 0.86
CA GLU C 113 3.41 -14.88 0.12
C GLU C 113 2.11 -15.52 -0.29
N LEU C 114 2.04 -15.95 -1.53
CA LEU C 114 0.84 -16.58 -2.07
C LEU C 114 1.23 -17.99 -2.46
N TRP C 115 0.55 -19.00 -1.93
CA TRP C 115 0.88 -20.37 -2.28
C TRP C 115 -0.35 -21.25 -2.51
N ASN C 116 -0.15 -22.37 -3.15
CA ASN C 116 -1.22 -23.32 -3.47
C ASN C 116 -0.86 -24.64 -2.79
N PRO C 117 -1.54 -24.99 -1.68
CA PRO C 117 -1.26 -26.23 -0.96
C PRO C 117 -1.24 -27.54 -1.78
N ALA C 118 -1.83 -27.53 -2.97
CA ALA C 118 -1.80 -28.72 -3.80
C ALA C 118 -0.42 -28.91 -4.41
N CYS C 119 0.35 -27.83 -4.45
CA CYS C 119 1.70 -27.82 -5.01
C CYS C 119 2.77 -27.66 -3.94
N THR C 120 2.56 -26.72 -3.02
CA THR C 120 3.50 -26.43 -1.95
C THR C 120 2.84 -26.80 -0.63
N LYS C 121 3.29 -27.89 0.00
CA LYS C 121 2.69 -28.31 1.26
C LYS C 121 3.33 -27.80 2.53
N ALA C 122 4.40 -27.02 2.40
CA ALA C 122 5.08 -26.44 3.54
C ALA C 122 5.70 -25.20 2.96
N MET C 123 5.38 -24.06 3.53
CA MET C 123 5.84 -22.80 3.00
C MET C 123 6.52 -21.96 4.07
N THR C 124 7.70 -21.39 3.79
CA THR C 124 8.40 -20.55 4.75
C THR C 124 8.52 -19.11 4.25
N MET C 125 8.49 -18.15 5.17
CA MET C 125 8.63 -16.75 4.83
C MET C 125 9.28 -16.06 6.01
N SER C 126 10.24 -15.19 5.74
CA SER C 126 10.91 -14.44 6.78
C SER C 126 10.79 -12.97 6.42
N PHE C 127 10.61 -12.12 7.43
CA PHE C 127 10.47 -10.69 7.20
C PHE C 127 10.91 -9.84 8.37
N ASN C 128 11.13 -8.56 8.10
CA ASN C 128 11.53 -7.59 9.13
C ASN C 128 10.32 -6.72 9.41
N PRO C 129 9.77 -6.76 10.63
CA PRO C 129 8.60 -5.94 10.96
C PRO C 129 8.89 -4.45 11.04
N ASN C 130 10.17 -4.06 11.01
CA ASN C 130 10.55 -2.66 11.10
C ASN C 130 11.45 -2.30 9.94
N PRO C 131 10.87 -1.91 8.80
CA PRO C 131 11.55 -1.53 7.57
C PRO C 131 12.52 -0.38 7.68
N CYS C 132 12.36 0.47 8.68
CA CYS C 132 13.24 1.61 8.83
C CYS C 132 14.55 1.25 9.46
N SER C 133 14.60 0.10 10.10
CA SER C 133 15.79 -0.28 10.83
C SER C 133 16.16 -1.76 10.81
N ASP C 134 16.86 -2.21 11.84
CA ASP C 134 17.31 -3.58 11.92
C ASP C 134 16.95 -4.34 13.19
N ALA C 135 15.88 -3.92 13.85
CA ALA C 135 15.43 -4.56 15.06
C ALA C 135 13.97 -4.21 15.31
N TRP C 136 13.28 -5.06 16.05
CA TRP C 136 11.88 -4.86 16.38
C TRP C 136 11.68 -5.35 17.80
N SER C 137 10.45 -5.35 18.28
CA SER C 137 10.15 -5.85 19.62
C SER C 137 8.66 -6.05 19.71
N LEU C 138 8.20 -6.85 20.66
CA LEU C 138 6.78 -7.10 20.80
C LEU C 138 6.01 -5.82 21.14
N GLU C 139 6.53 -4.96 22.02
CA GLU C 139 5.82 -3.71 22.33
C GLU C 139 5.65 -2.87 21.09
N PHE C 140 6.71 -2.80 20.29
CA PHE C 140 6.69 -2.05 19.06
C PHE C 140 5.60 -2.58 18.12
N LEU C 141 5.49 -3.91 18.04
CA LEU C 141 4.48 -4.53 17.19
C LEU C 141 3.07 -4.19 17.66
N LYS C 142 2.86 -4.16 18.96
CA LYS C 142 1.55 -3.86 19.53
C LYS C 142 1.12 -2.42 19.38
N ARG C 143 1.98 -1.51 19.80
CA ARG C 143 1.67 -0.08 19.78
C ARG C 143 1.78 0.58 18.44
N THR C 144 2.27 -0.18 17.47
CA THR C 144 2.47 0.32 16.14
C THR C 144 1.34 -0.13 15.22
N GLY C 145 0.70 -1.24 15.59
CA GLY C 145 -0.40 -1.75 14.81
C GLY C 145 -0.01 -2.68 13.68
N PHE C 146 1.20 -3.24 13.72
CA PHE C 146 1.66 -4.13 12.67
C PHE C 146 0.59 -5.19 12.45
N HIS C 147 0.20 -5.34 11.19
CA HIS C 147 -0.88 -6.22 10.81
C HIS C 147 -0.57 -7.44 9.99
N CYS C 148 -1.41 -8.47 10.15
CA CYS C 148 -1.28 -9.72 9.41
C CYS C 148 -2.63 -10.19 8.91
N ASP C 149 -2.74 -10.45 7.60
CA ASP C 149 -3.98 -10.93 7.00
C ASP C 149 -3.72 -12.23 6.31
N ILE C 150 -4.56 -13.23 6.57
CA ILE C 150 -4.43 -14.51 5.91
C ILE C 150 -5.74 -14.62 5.18
N ILE C 151 -5.69 -14.54 3.86
CA ILE C 151 -6.90 -14.62 3.08
C ILE C 151 -6.82 -15.73 2.06
N CYS C 152 -7.97 -16.08 1.50
CA CYS C 152 -8.03 -17.11 0.48
C CYS C 152 -8.25 -16.34 -0.82
N VAL C 153 -7.26 -16.34 -1.72
CA VAL C 153 -7.37 -15.59 -2.97
C VAL C 153 -8.27 -16.26 -4.00
N THR C 154 -8.28 -17.59 -3.97
CA THR C 154 -9.09 -18.39 -4.88
C THR C 154 -9.65 -19.56 -4.08
N GLY C 155 -10.94 -19.83 -4.22
CA GLY C 155 -11.55 -20.91 -3.47
C GLY C 155 -11.14 -22.30 -3.94
N TRP C 156 -11.68 -23.33 -3.29
CA TRP C 156 -11.38 -24.72 -3.62
C TRP C 156 -11.76 -25.05 -5.06
N THR C 157 -10.92 -25.80 -5.78
CA THR C 157 -11.27 -26.20 -7.15
C THR C 157 -12.28 -27.33 -7.02
N ALA C 158 -12.08 -28.16 -5.99
CA ALA C 158 -12.94 -29.29 -5.69
C ALA C 158 -12.95 -29.31 -4.16
N THR C 159 -14.13 -29.33 -3.54
CA THR C 159 -14.15 -29.27 -2.08
C THR C 159 -13.70 -30.56 -1.40
N PRO C 160 -12.95 -30.44 -0.29
CA PRO C 160 -12.45 -31.59 0.45
C PRO C 160 -13.61 -32.30 1.11
N MET C 161 -13.33 -33.48 1.62
CA MET C 161 -14.29 -34.31 2.31
C MET C 161 -14.71 -33.62 3.60
N GLN C 162 -13.73 -33.05 4.29
CA GLN C 162 -13.95 -32.44 5.57
C GLN C 162 -13.32 -31.06 5.65
N ASP C 163 -13.49 -30.38 6.78
CA ASP C 163 -12.89 -29.06 6.94
C ASP C 163 -11.40 -29.21 7.08
N VAL C 164 -10.68 -28.17 6.71
CA VAL C 164 -9.23 -28.19 6.76
C VAL C 164 -8.69 -27.19 7.77
N GLN C 165 -7.42 -27.32 8.09
CA GLN C 165 -6.75 -26.44 9.04
C GLN C 165 -5.31 -26.23 8.64
N VAL C 166 -4.87 -24.98 8.60
CA VAL C 166 -3.50 -24.63 8.26
C VAL C 166 -2.79 -24.32 9.56
N THR C 167 -1.62 -24.89 9.81
CA THR C 167 -0.90 -24.61 11.04
C THR C 167 0.33 -23.77 10.75
N ILE C 168 0.50 -22.66 11.48
CA ILE C 168 1.64 -21.78 11.27
C ILE C 168 2.54 -21.78 12.49
N ASP C 169 3.81 -22.10 12.32
CA ASP C 169 4.77 -22.10 13.42
C ASP C 169 5.55 -20.81 13.28
N TRP C 170 5.65 -20.04 14.34
CA TRP C 170 6.37 -18.77 14.33
C TRP C 170 7.70 -18.90 15.04
N PHE C 171 8.77 -18.37 14.45
CA PHE C 171 10.11 -18.44 15.05
C PHE C 171 10.85 -17.11 14.94
N ILE C 172 11.85 -16.92 15.78
CA ILE C 172 12.70 -15.74 15.70
C ILE C 172 13.82 -16.35 14.86
N SER C 173 14.14 -15.73 13.74
CA SER C 173 15.15 -16.25 12.83
C SER C 173 16.56 -15.92 13.24
N SER C 174 17.50 -16.62 12.62
CA SER C 174 18.91 -16.37 12.89
C SER C 174 19.43 -15.29 11.97
N GLN C 175 18.71 -15.05 10.88
CA GLN C 175 19.06 -14.01 9.92
C GLN C 175 18.67 -12.67 10.49
N GLU C 176 19.57 -11.71 10.39
CA GLU C 176 19.32 -10.38 10.91
C GLU C 176 18.40 -9.53 10.04
N CYS C 177 17.70 -8.59 10.68
CA CYS C 177 16.80 -7.69 10.01
C CYS C 177 17.60 -6.70 9.21
N VAL C 178 17.05 -6.32 8.08
CA VAL C 178 17.67 -5.35 7.21
C VAL C 178 16.59 -4.36 6.74
N PRO C 179 16.88 -3.07 6.74
CA PRO C 179 15.87 -2.09 6.33
C PRO C 179 15.53 -2.07 4.85
N ARG C 180 14.33 -1.56 4.54
CA ARG C 180 13.87 -1.40 3.18
C ARG C 180 13.07 -0.12 3.13
N THR C 181 13.72 0.94 2.67
CA THR C 181 13.08 2.24 2.59
C THR C 181 13.00 2.72 1.15
N TYR C 182 12.09 3.64 0.90
CA TYR C 182 11.88 4.20 -0.43
C TYR C 182 12.15 5.68 -0.45
N CYS C 183 13.11 6.11 -1.24
CA CYS C 183 13.36 7.52 -1.37
C CYS C 183 12.50 7.90 -2.58
N VAL C 184 11.38 8.58 -2.34
CA VAL C 184 10.45 8.90 -3.39
C VAL C 184 10.97 9.45 -4.73
N LEU C 185 11.78 10.49 -4.69
CA LEU C 185 12.29 11.08 -5.92
C LEU C 185 13.66 10.54 -6.31
N ASN C 186 13.96 9.35 -5.82
CA ASN C 186 15.24 8.70 -6.06
C ASN C 186 15.17 7.21 -5.83
N PRO C 187 14.38 6.52 -6.66
CA PRO C 187 14.20 5.08 -6.56
C PRO C 187 15.52 4.31 -6.61
N GLN C 188 15.56 3.18 -5.91
CA GLN C 188 16.73 2.32 -5.96
C GLN C 188 16.58 1.39 -7.17
N ASN C 189 17.57 0.55 -7.39
CA ASN C 189 17.53 -0.40 -8.48
C ASN C 189 17.94 -1.73 -7.87
N PRO C 190 17.06 -2.73 -7.90
CA PRO C 190 15.72 -2.66 -8.48
C PRO C 190 14.72 -1.96 -7.60
N PHE C 191 13.66 -1.49 -8.22
CA PHE C 191 12.59 -0.84 -7.51
C PHE C 191 11.60 -1.94 -7.12
N VAL C 192 11.40 -2.18 -5.83
CA VAL C 192 10.48 -3.23 -5.39
C VAL C 192 9.04 -2.69 -5.41
N LEU C 193 8.24 -3.14 -6.37
CA LEU C 193 6.86 -2.68 -6.52
C LEU C 193 5.78 -3.57 -5.93
N ASN C 194 5.86 -4.87 -6.18
CA ASN C 194 4.90 -5.83 -5.65
C ASN C 194 3.44 -5.48 -5.95
N ARG C 195 3.15 -5.08 -7.18
CA ARG C 195 1.79 -4.72 -7.56
C ARG C 195 1.03 -5.89 -8.14
N TRP C 196 -0.16 -6.15 -7.63
CA TRP C 196 -0.98 -7.23 -8.14
C TRP C 196 -1.53 -6.73 -9.48
N MET C 197 -1.41 -7.53 -10.53
CA MET C 197 -1.88 -7.15 -11.84
C MET C 197 -3.26 -7.71 -12.14
N GLY C 198 -3.68 -8.69 -11.37
CA GLY C 198 -4.98 -9.25 -11.60
C GLY C 198 -5.02 -10.75 -11.47
N LYS C 199 -6.22 -11.28 -11.44
CA LYS C 199 -6.44 -12.70 -11.33
C LYS C 199 -7.07 -13.06 -12.67
N LEU C 200 -6.35 -13.82 -13.50
CA LEU C 200 -6.82 -14.19 -14.82
C LEU C 200 -7.50 -15.54 -14.84
N THR C 201 -8.70 -15.61 -15.42
CA THR C 201 -9.41 -16.88 -15.50
C THR C 201 -9.63 -17.31 -16.95
N PHE C 202 -9.27 -18.55 -17.26
CA PHE C 202 -9.40 -19.11 -18.59
C PHE C 202 -10.27 -20.33 -18.49
N PRO C 203 -11.55 -20.18 -18.83
CA PRO C 203 -12.51 -21.29 -18.78
C PRO C 203 -12.21 -22.41 -19.75
N GLN C 204 -12.53 -23.63 -19.36
CA GLN C 204 -12.27 -24.80 -20.18
C GLN C 204 -12.89 -24.69 -21.55
N GLY C 205 -12.12 -25.05 -22.58
CA GLY C 205 -12.61 -24.96 -23.94
C GLY C 205 -11.50 -24.52 -24.88
N THR C 206 -11.84 -24.38 -26.15
CA THR C 206 -10.86 -24.00 -27.14
C THR C 206 -10.74 -22.49 -27.35
N SER C 207 -11.38 -21.74 -26.48
CA SER C 207 -11.33 -20.29 -26.59
C SER C 207 -9.98 -19.67 -26.25
N ARG C 208 -9.66 -18.61 -26.98
CA ARG C 208 -8.41 -17.86 -26.83
C ARG C 208 -8.37 -17.06 -25.52
N SER C 209 -9.51 -16.53 -25.12
CA SER C 209 -9.62 -15.77 -23.88
C SER C 209 -8.55 -14.70 -23.69
N VAL C 210 -8.35 -13.84 -24.69
CA VAL C 210 -7.34 -12.79 -24.62
C VAL C 210 -7.52 -11.92 -23.38
N LYS C 211 -6.43 -11.69 -22.67
CA LYS C 211 -6.41 -10.88 -21.46
C LYS C 211 -5.51 -9.69 -21.71
N ARG C 212 -5.94 -8.49 -21.35
CA ARG C 212 -5.15 -7.29 -21.56
C ARG C 212 -4.87 -6.58 -20.23
N MET C 213 -3.61 -6.53 -19.82
CA MET C 213 -3.24 -5.86 -18.57
C MET C 213 -2.45 -4.61 -18.87
N PRO C 214 -3.03 -3.43 -18.63
CA PRO C 214 -2.34 -2.17 -18.91
C PRO C 214 -1.11 -1.93 -18.06
N LEU C 215 -0.06 -1.39 -18.68
CA LEU C 215 1.17 -1.12 -17.96
C LEU C 215 1.23 0.29 -17.40
N SER C 216 0.14 1.03 -17.55
CA SER C 216 0.05 2.37 -16.99
C SER C 216 -0.52 2.08 -15.59
N ILE C 217 0.35 1.51 -14.75
CA ILE C 217 0.02 1.08 -13.40
C ILE C 217 -0.03 2.09 -12.27
N GLY C 218 0.02 3.38 -12.57
CA GLY C 218 -0.03 4.37 -11.50
C GLY C 218 -1.46 4.63 -11.06
N GLY C 219 -1.64 5.30 -9.94
CA GLY C 219 -2.97 5.63 -9.44
C GLY C 219 -3.74 4.58 -8.66
N GLY C 220 -3.13 3.46 -8.31
CA GLY C 220 -3.82 2.42 -7.56
C GLY C 220 -4.68 1.51 -8.39
N ALA C 221 -5.51 0.70 -7.73
CA ALA C 221 -6.40 -0.21 -8.43
C ALA C 221 -7.80 0.32 -8.29
N GLY C 222 -8.59 0.18 -9.36
CA GLY C 222 -9.93 0.67 -9.32
C GLY C 222 -10.85 -0.17 -8.45
N ALA C 223 -11.86 0.51 -7.93
CA ALA C 223 -12.89 -0.10 -7.10
C ALA C 223 -14.17 0.65 -7.48
N LYS C 224 -15.29 0.27 -6.87
CA LYS C 224 -16.57 0.92 -7.16
C LYS C 224 -16.57 2.38 -6.63
N SER C 225 -16.36 3.34 -7.54
CA SER C 225 -16.32 4.76 -7.15
C SER C 225 -15.25 5.05 -6.10
N ALA C 226 -14.15 4.30 -6.19
CA ALA C 226 -13.06 4.44 -5.25
C ALA C 226 -11.80 3.86 -5.84
N ILE C 227 -10.68 4.09 -5.16
CA ILE C 227 -9.42 3.53 -5.58
C ILE C 227 -8.81 2.86 -4.36
N LEU C 228 -8.12 1.75 -4.61
CA LEU C 228 -7.42 1.00 -3.59
C LEU C 228 -6.00 1.50 -3.75
N MET C 229 -5.19 1.40 -2.69
CA MET C 229 -3.84 1.91 -2.81
C MET C 229 -2.88 1.32 -1.81
N ASN C 230 -1.65 1.07 -2.25
CA ASN C 230 -0.59 0.59 -1.36
C ASN C 230 0.63 1.48 -1.55
N MET C 231 1.53 1.49 -0.58
CA MET C 231 2.68 2.37 -0.64
C MET C 231 3.59 2.34 -1.85
N PRO C 232 4.14 1.18 -2.23
CA PRO C 232 5.00 1.22 -3.41
C PRO C 232 4.34 1.70 -4.70
N ASN C 233 3.09 1.34 -4.90
CA ASN C 233 2.36 1.79 -6.08
C ASN C 233 2.14 3.28 -5.95
N ALA C 234 1.99 3.76 -4.72
CA ALA C 234 1.80 5.18 -4.48
C ALA C 234 3.04 5.95 -4.86
N VAL C 235 4.23 5.41 -4.62
CA VAL C 235 5.44 6.15 -5.00
C VAL C 235 5.63 6.18 -6.50
N LEU C 236 5.36 5.07 -7.18
CA LEU C 236 5.51 5.06 -8.63
C LEU C 236 4.56 6.09 -9.28
N SER C 237 3.44 6.38 -8.63
CA SER C 237 2.47 7.33 -9.14
C SER C 237 2.91 8.77 -9.06
N MET C 238 4.01 9.02 -8.34
CA MET C 238 4.53 10.37 -8.21
C MET C 238 5.22 10.81 -9.49
N TRP C 239 5.71 9.85 -10.27
CA TRP C 239 6.42 10.15 -11.51
C TRP C 239 5.46 10.22 -12.69
N ARG C 240 5.85 10.98 -13.71
CA ARG C 240 5.04 11.19 -14.89
C ARG C 240 5.17 10.10 -15.95
N TYR C 241 6.39 9.68 -16.28
CA TYR C 241 6.62 8.63 -17.28
C TYR C 241 7.64 7.65 -16.74
N PHE C 242 7.60 6.40 -17.18
CA PHE C 242 8.59 5.44 -16.71
C PHE C 242 8.85 4.30 -17.69
N VAL C 243 9.94 3.56 -17.48
CA VAL C 243 10.32 2.38 -18.28
C VAL C 243 11.21 1.52 -17.42
N GLY C 244 11.35 0.26 -17.78
CA GLY C 244 12.24 -0.58 -17.01
C GLY C 244 12.08 -2.02 -17.39
N ASP C 245 12.96 -2.87 -16.89
CA ASP C 245 12.85 -4.29 -17.16
C ASP C 245 11.79 -4.72 -16.17
N LEU C 246 10.69 -5.25 -16.66
CA LEU C 246 9.60 -5.66 -15.79
C LEU C 246 9.70 -7.12 -15.46
N VAL C 247 9.52 -7.46 -14.18
CA VAL C 247 9.58 -8.86 -13.77
C VAL C 247 8.25 -9.28 -13.16
N PHE C 248 7.58 -10.25 -13.77
CA PHE C 248 6.30 -10.74 -13.29
C PHE C 248 6.43 -12.11 -12.68
N GLU C 249 5.62 -12.36 -11.67
CA GLU C 249 5.63 -13.63 -11.00
C GLU C 249 4.23 -14.21 -11.22
N VAL C 250 4.13 -15.29 -12.00
CA VAL C 250 2.86 -15.93 -12.32
C VAL C 250 2.58 -17.16 -11.46
N SER C 251 1.44 -17.19 -10.78
CA SER C 251 1.06 -18.31 -9.91
C SER C 251 -0.13 -19.10 -10.38
N LYS C 252 -0.05 -20.43 -10.28
CA LYS C 252 -1.14 -21.32 -10.66
C LYS C 252 -2.02 -21.43 -9.42
N MET C 253 -3.18 -20.77 -9.42
CA MET C 253 -4.07 -20.78 -8.27
C MET C 253 -5.19 -21.78 -8.33
N THR C 254 -5.06 -22.73 -9.22
CA THR C 254 -6.10 -23.71 -9.40
C THR C 254 -5.51 -25.12 -9.31
N SER C 255 -6.35 -26.15 -9.29
CA SER C 255 -5.85 -27.52 -9.18
C SER C 255 -4.91 -27.96 -10.28
N PRO C 256 -3.93 -28.82 -9.95
CA PRO C 256 -2.97 -29.31 -10.94
C PRO C 256 -3.66 -30.07 -12.08
N TYR C 257 -4.91 -30.46 -11.88
CA TYR C 257 -5.69 -31.18 -12.89
C TYR C 257 -6.26 -30.40 -14.04
N ILE C 258 -6.19 -29.07 -13.95
CA ILE C 258 -6.69 -28.20 -15.02
C ILE C 258 -5.46 -27.70 -15.77
N LYS C 259 -5.26 -28.24 -16.96
CA LYS C 259 -4.11 -27.92 -17.79
C LYS C 259 -4.39 -26.82 -18.81
N CYS C 260 -3.38 -26.03 -19.14
CA CYS C 260 -3.52 -24.96 -20.11
C CYS C 260 -2.17 -24.33 -20.41
N THR C 261 -1.93 -24.03 -21.68
CA THR C 261 -0.70 -23.39 -22.09
C THR C 261 -1.03 -21.94 -22.32
N VAL C 262 -0.47 -21.03 -21.52
CA VAL C 262 -0.74 -19.62 -21.67
C VAL C 262 0.38 -18.96 -22.43
N SER C 263 0.05 -17.95 -23.22
CA SER C 263 1.04 -17.25 -24.01
C SER C 263 1.10 -15.79 -23.61
N PHE C 264 2.27 -15.29 -23.24
CA PHE C 264 2.45 -13.89 -22.81
C PHE C 264 3.26 -13.07 -23.79
N PHE C 265 2.88 -11.82 -24.00
CA PHE C 265 3.59 -10.93 -24.91
C PHE C 265 3.19 -9.48 -24.67
N ILE C 266 3.95 -8.53 -25.21
CA ILE C 266 3.67 -7.11 -25.06
C ILE C 266 3.10 -6.60 -26.37
N ALA C 267 2.01 -5.85 -26.33
CA ALA C 267 1.39 -5.31 -27.53
C ALA C 267 0.51 -4.13 -27.14
N PHE C 268 -0.08 -3.45 -28.12
CA PHE C 268 -0.94 -2.31 -27.80
C PHE C 268 -2.41 -2.67 -27.67
N GLY C 269 -3.15 -1.83 -26.96
CA GLY C 269 -4.55 -2.07 -26.70
C GLY C 269 -5.48 -2.26 -27.88
N ASN C 270 -5.13 -1.68 -29.01
CA ASN C 270 -6.00 -1.75 -30.17
C ASN C 270 -6.02 -2.98 -31.06
N LEU C 271 -5.35 -4.07 -30.69
CA LEU C 271 -5.38 -5.27 -31.53
C LEU C 271 -6.61 -6.12 -31.25
N ALA C 272 -7.23 -6.64 -32.30
CA ALA C 272 -8.41 -7.47 -32.15
C ALA C 272 -8.04 -8.80 -31.54
N ASP C 273 -8.96 -9.41 -30.80
CA ASP C 273 -8.70 -10.69 -30.14
C ASP C 273 -8.32 -11.78 -31.10
N ASP C 274 -8.84 -11.69 -32.31
CA ASP C 274 -8.56 -12.71 -33.30
C ASP C 274 -7.37 -12.42 -34.21
N THR C 275 -6.51 -11.49 -33.81
CA THR C 275 -5.33 -11.17 -34.60
C THR C 275 -4.58 -12.48 -34.73
N ILE C 276 -4.46 -12.98 -35.94
CA ILE C 276 -3.79 -14.25 -36.14
C ILE C 276 -2.33 -14.34 -35.71
N ASN C 277 -1.53 -13.35 -36.04
CA ASN C 277 -0.13 -13.41 -35.70
C ASN C 277 0.28 -12.67 -34.44
N PHE C 278 -0.46 -12.86 -33.35
CA PHE C 278 -0.10 -12.24 -32.09
C PHE C 278 1.28 -12.80 -31.77
N GLU C 279 1.45 -14.09 -32.07
CA GLU C 279 2.70 -14.77 -31.80
C GLU C 279 3.83 -14.57 -32.81
N ALA C 280 3.86 -13.39 -33.42
CA ALA C 280 4.93 -13.00 -34.32
C ALA C 280 5.71 -11.96 -33.51
N PHE C 281 5.12 -11.52 -32.40
CA PHE C 281 5.72 -10.58 -31.46
C PHE C 281 6.59 -11.46 -30.57
N PRO C 282 7.57 -10.88 -29.86
CA PRO C 282 8.38 -11.74 -28.99
C PRO C 282 7.44 -12.22 -27.88
N HIS C 283 7.37 -13.52 -27.67
CA HIS C 283 6.46 -14.04 -26.65
C HIS C 283 7.05 -15.16 -25.83
N LYS C 284 6.34 -15.57 -24.79
CA LYS C 284 6.78 -16.68 -23.97
C LYS C 284 5.63 -17.60 -23.63
N LEU C 285 5.85 -18.90 -23.81
CA LEU C 285 4.84 -19.91 -23.56
C LEU C 285 4.99 -20.53 -22.17
N VAL C 286 3.93 -20.49 -21.38
CA VAL C 286 3.94 -21.01 -20.04
C VAL C 286 3.04 -22.23 -19.84
N GLN C 287 3.61 -23.29 -19.26
CA GLN C 287 2.90 -24.52 -18.93
C GLN C 287 3.38 -24.89 -17.53
N PHE C 288 2.50 -25.33 -16.64
CA PHE C 288 2.93 -25.70 -15.31
C PHE C 288 3.01 -27.22 -15.11
N GLY C 289 4.02 -27.69 -14.39
CA GLY C 289 4.11 -29.12 -14.12
C GLY C 289 3.08 -29.41 -13.04
N GLU C 290 2.72 -30.67 -12.81
CA GLU C 290 1.72 -31.00 -11.80
C GLU C 290 1.86 -30.20 -10.53
N ILE C 291 3.04 -30.30 -9.96
CA ILE C 291 3.36 -29.71 -8.69
C ILE C 291 4.07 -28.37 -8.70
N GLN C 292 4.14 -27.78 -9.88
CA GLN C 292 4.77 -26.49 -10.03
C GLN C 292 3.68 -25.45 -9.95
N GLU C 293 3.91 -24.38 -9.21
CA GLU C 293 2.90 -23.36 -9.10
C GLU C 293 3.36 -21.95 -9.39
N LYS C 294 4.65 -21.73 -9.48
CA LYS C 294 5.15 -20.37 -9.70
C LYS C 294 6.09 -20.34 -10.88
N VAL C 295 6.00 -19.28 -11.67
CA VAL C 295 6.85 -19.11 -12.84
C VAL C 295 7.21 -17.63 -12.88
N VAL C 296 8.42 -17.30 -13.28
CA VAL C 296 8.78 -15.90 -13.33
C VAL C 296 9.10 -15.43 -14.73
N LEU C 297 8.33 -14.46 -15.20
CA LEU C 297 8.52 -13.90 -16.52
C LEU C 297 9.27 -12.60 -16.37
N LYS C 298 10.17 -12.33 -17.30
CA LYS C 298 10.93 -11.11 -17.24
C LYS C 298 10.90 -10.45 -18.61
N PHE C 299 10.30 -9.27 -18.68
CA PHE C 299 10.22 -8.55 -19.95
C PHE C 299 11.25 -7.46 -20.01
N SER C 300 12.24 -7.67 -20.87
CA SER C 300 13.34 -6.75 -21.06
C SER C 300 12.82 -5.42 -21.54
N GLN C 301 13.53 -4.34 -21.23
CA GLN C 301 13.05 -3.04 -21.66
C GLN C 301 13.25 -2.74 -23.13
N GLU C 302 13.63 -3.75 -23.91
CA GLU C 302 13.79 -3.53 -25.33
C GLU C 302 12.54 -3.90 -26.06
N GLU C 303 11.52 -4.18 -25.27
CA GLU C 303 10.22 -4.51 -25.77
C GLU C 303 9.46 -3.18 -25.73
N PHE C 304 10.12 -2.16 -25.22
CA PHE C 304 9.53 -0.84 -25.10
C PHE C 304 10.41 0.15 -25.81
N LEU C 305 9.83 0.90 -26.74
CA LEU C 305 10.61 1.87 -27.47
C LEU C 305 10.83 3.13 -26.67
N THR C 306 9.84 3.47 -25.84
CA THR C 306 9.87 4.71 -25.07
C THR C 306 9.19 4.53 -23.73
N ALA C 307 9.44 5.45 -22.80
CA ALA C 307 8.80 5.42 -21.49
C ALA C 307 7.31 5.72 -21.74
N TRP C 308 6.42 5.27 -20.87
CA TRP C 308 5.03 5.57 -21.12
C TRP C 308 4.42 6.23 -19.91
N SER C 309 3.19 6.72 -20.04
CA SER C 309 2.51 7.38 -18.95
C SER C 309 2.33 6.46 -17.78
N THR C 310 2.57 7.03 -16.63
CA THR C 310 2.45 6.31 -15.40
C THR C 310 0.97 6.12 -15.09
N GLN C 311 0.17 7.09 -15.54
CA GLN C 311 -1.27 7.10 -15.31
C GLN C 311 -2.01 7.60 -16.55
N VAL C 312 -3.12 6.96 -16.86
CA VAL C 312 -3.91 7.32 -18.02
C VAL C 312 -5.34 7.55 -17.52
N ARG C 313 -6.08 8.43 -18.18
CA ARG C 313 -7.46 8.69 -17.77
C ARG C 313 -8.23 7.38 -17.85
N PRO C 314 -8.77 6.90 -16.74
CA PRO C 314 -9.52 5.65 -16.59
C PRO C 314 -10.52 5.29 -17.69
N ALA C 315 -11.21 6.28 -18.22
CA ALA C 315 -12.17 6.02 -19.29
C ALA C 315 -11.54 5.82 -20.68
N THR C 316 -10.22 6.00 -20.78
CA THR C 316 -9.52 5.85 -22.05
C THR C 316 -9.83 4.50 -22.67
N THR C 317 -10.12 4.50 -23.97
CA THR C 317 -10.46 3.27 -24.67
C THR C 317 -9.26 2.48 -25.15
N LEU C 318 -9.50 1.21 -25.46
CA LEU C 318 -8.45 0.34 -25.98
C LEU C 318 -7.89 0.93 -27.26
N LEU C 319 -8.73 1.63 -28.00
CA LEU C 319 -8.29 2.23 -29.24
C LEU C 319 -7.44 3.46 -29.07
N ALA C 320 -7.70 4.21 -28.00
CA ALA C 320 -6.98 5.45 -27.76
C ALA C 320 -5.84 5.37 -26.76
N ASP C 321 -5.63 4.18 -26.20
CA ASP C 321 -4.58 4.00 -25.22
C ASP C 321 -3.26 3.89 -25.96
N GLY C 322 -2.34 4.80 -25.67
CA GLY C 322 -1.05 4.77 -26.32
C GLY C 322 0.05 4.14 -25.50
N CYS C 323 -0.30 3.53 -24.37
CA CYS C 323 0.69 2.87 -23.51
C CYS C 323 0.66 1.35 -23.73
N PRO C 324 1.80 0.67 -23.59
CA PRO C 324 1.81 -0.79 -23.80
C PRO C 324 0.97 -1.59 -22.80
N TYR C 325 0.67 -2.82 -23.17
CA TYR C 325 -0.12 -3.75 -22.37
C TYR C 325 0.61 -5.07 -22.29
N LEU C 326 0.34 -5.84 -21.25
CA LEU C 326 0.91 -7.17 -21.10
C LEU C 326 -0.28 -8.04 -21.50
N TYR C 327 -0.18 -8.77 -22.60
CA TYR C 327 -1.25 -9.64 -23.05
C TYR C 327 -1.03 -11.05 -22.52
N ALA C 328 -2.10 -11.81 -22.39
CA ALA C 328 -2.03 -13.19 -21.95
C ALA C 328 -3.18 -13.86 -22.67
N MET C 329 -2.95 -15.00 -23.33
CA MET C 329 -4.02 -15.68 -24.02
C MET C 329 -3.76 -17.17 -24.02
N VAL C 330 -4.75 -17.98 -24.38
CA VAL C 330 -4.58 -19.42 -24.42
C VAL C 330 -3.93 -19.81 -25.75
N HIS C 331 -2.82 -20.54 -25.67
CA HIS C 331 -2.09 -20.96 -26.85
C HIS C 331 -2.75 -22.13 -27.56
N ASP C 332 -3.29 -23.06 -26.78
CA ASP C 332 -3.96 -24.24 -27.31
C ASP C 332 -5.38 -24.34 -26.76
N SER C 333 -5.54 -24.89 -25.57
CA SER C 333 -6.84 -25.00 -24.95
C SER C 333 -6.75 -25.25 -23.45
N SER C 334 -7.80 -24.92 -22.73
CA SER C 334 -7.89 -25.10 -21.29
C SER C 334 -8.68 -26.39 -21.10
N VAL C 335 -8.01 -27.48 -20.71
CA VAL C 335 -8.71 -28.76 -20.57
C VAL C 335 -8.57 -29.44 -19.22
N SER C 336 -9.59 -30.22 -18.86
CA SER C 336 -9.57 -30.96 -17.61
C SER C 336 -10.67 -31.98 -17.60
N THR C 337 -10.60 -32.89 -16.63
CA THR C 337 -11.61 -33.91 -16.49
C THR C 337 -12.51 -33.54 -15.31
N ILE C 338 -12.16 -32.48 -14.59
CA ILE C 338 -12.98 -32.01 -13.49
C ILE C 338 -13.41 -30.59 -13.86
N PRO C 339 -14.51 -30.11 -13.30
CA PRO C 339 -14.96 -28.77 -13.62
C PRO C 339 -14.14 -27.68 -12.96
N GLY C 340 -14.05 -26.55 -13.64
CA GLY C 340 -13.31 -25.43 -13.09
C GLY C 340 -12.53 -24.68 -14.14
N ASP C 341 -12.34 -23.38 -13.93
CA ASP C 341 -11.57 -22.59 -14.86
C ASP C 341 -10.12 -22.72 -14.48
N PHE C 342 -9.23 -22.42 -15.43
CA PHE C 342 -7.82 -22.43 -15.17
C PHE C 342 -7.61 -21.00 -14.68
N VAL C 343 -7.05 -20.82 -13.49
CA VAL C 343 -6.86 -19.46 -12.97
C VAL C 343 -5.44 -19.18 -12.55
N ILE C 344 -4.89 -18.06 -13.01
CA ILE C 344 -3.53 -17.68 -12.62
C ILE C 344 -3.56 -16.28 -12.06
N GLY C 345 -2.59 -15.98 -11.21
CA GLY C 345 -2.49 -14.65 -10.63
C GLY C 345 -1.17 -14.07 -11.09
N VAL C 346 -1.19 -12.81 -11.51
CA VAL C 346 0.03 -12.15 -11.99
C VAL C 346 0.41 -11.01 -11.06
N LYS C 347 1.67 -10.96 -10.65
CA LYS C 347 2.15 -9.92 -9.74
C LYS C 347 3.42 -9.28 -10.28
N LEU C 348 3.42 -7.96 -10.47
CA LEU C 348 4.62 -7.27 -10.97
C LEU C 348 5.49 -7.10 -9.77
N THR C 349 6.53 -7.91 -9.72
CA THR C 349 7.45 -7.96 -8.61
C THR C 349 8.45 -6.79 -8.45
N ILE C 350 9.38 -6.62 -9.38
CA ILE C 350 10.36 -5.54 -9.31
C ILE C 350 10.55 -4.93 -10.70
N ILE C 351 11.07 -3.72 -10.75
CA ILE C 351 11.36 -3.05 -12.01
C ILE C 351 12.86 -2.77 -11.96
N GLU C 352 13.61 -3.32 -12.90
CA GLU C 352 15.03 -3.12 -12.90
C GLU C 352 15.45 -2.11 -13.91
N ASN C 353 16.54 -1.42 -13.61
CA ASN C 353 17.09 -0.42 -14.50
C ASN C 353 16.01 0.51 -14.96
N MET C 354 15.16 0.85 -14.02
CA MET C 354 14.07 1.74 -14.31
C MET C 354 14.57 3.11 -14.66
N CYS C 355 13.74 3.88 -15.33
CA CYS C 355 14.07 5.22 -15.72
C CYS C 355 12.77 6.00 -15.73
N ALA C 356 12.67 7.06 -14.93
CA ALA C 356 11.45 7.85 -14.84
C ALA C 356 11.66 9.31 -15.17
N TYR C 357 10.65 9.94 -15.76
CA TYR C 357 10.73 11.36 -16.12
C TYR C 357 9.60 12.17 -15.56
N GLY C 358 9.92 13.34 -15.03
CA GLY C 358 8.90 14.24 -14.52
C GLY C 358 8.06 13.86 -13.33
N LEU C 359 7.37 14.86 -12.79
CA LEU C 359 6.48 14.70 -11.66
C LEU C 359 5.03 14.72 -12.16
N ASN C 360 4.18 13.90 -11.54
CA ASN C 360 2.78 13.73 -11.94
C ASN C 360 1.78 14.53 -11.13
N PRO C 361 1.02 15.44 -11.79
CA PRO C 361 0.01 16.24 -11.10
C PRO C 361 -1.10 15.33 -10.59
N GLY C 362 -1.32 14.25 -11.34
CA GLY C 362 -2.33 13.29 -10.95
C GLY C 362 -3.57 13.30 -11.81
N ILE C 363 -4.17 12.13 -11.96
CA ILE C 363 -5.40 11.98 -12.70
C ILE C 363 -6.35 11.32 -11.73
N SER C 364 -7.59 11.74 -11.74
CA SER C 364 -8.57 11.19 -10.81
C SER C 364 -9.07 9.79 -11.17
N GLY C 365 -9.03 8.91 -10.19
CA GLY C 365 -9.51 7.54 -10.36
C GLY C 365 -8.57 6.58 -11.07
N SER C 366 -9.03 5.35 -11.26
CA SER C 366 -8.22 4.36 -11.96
C SER C 366 -9.00 3.11 -12.40
N ARG C 367 -8.51 2.43 -13.44
CA ARG C 367 -9.17 1.23 -13.96
C ARG C 367 -9.15 0.04 -13.01
N LEU C 368 -10.19 -0.78 -13.11
CA LEU C 368 -10.33 -1.99 -12.28
C LEU C 368 -9.37 -3.07 -12.76
N LEU C 369 -8.76 -3.77 -11.82
CA LEU C 369 -7.85 -4.88 -12.12
C LEU C 369 -8.70 -6.14 -12.39
N GLY C 370 -8.02 -7.22 -12.80
CA GLY C 370 -8.68 -8.51 -13.01
C GLY C 370 -9.03 -9.28 -11.68
#